data_3DBM
#
_entry.id   3DBM
#
_cell.length_a   128.300
_cell.length_b   128.300
_cell.length_c   160.000
_cell.angle_alpha   90.00
_cell.angle_beta   90.00
_cell.angle_gamma   90.00
#
_symmetry.space_group_name_H-M   'I 4 2 2'
#
loop_
_entity.id
_entity.type
_entity.pdbx_description
1 polymer 'Cytochrome P450 74A2'
2 non-polymer 'PROTOPORPHYRIN IX CONTAINING FE'
3 non-polymer '(9E,11E,13S)-13-hydroxyoctadeca-9,11-dienoic acid'
4 water water
#
_entity_poly.entity_id   1
_entity_poly.type   'polypeptide(L)'
_entity_poly.pdbx_seq_one_letter_code
;MDPSSKPLREIPGSYGIPFFQPIKDRLEYFYGTGGRDEYFRSRMQKYQSTVFRANMPPGPFVSSNPKVIVLLDAKSFPIL
FDVSKVEKKDLFTGTYMPSTKLTGGYRVLSYLDPSEPRHAQLKNLLFFMLKNSSNRVIPQFETTYTELFEGLEAELAKNG
KAAFNDVGEQAAFRFLGRAYFNSNPEETKLGTSAPTLISSWVLFNLAPTLDLGLPWFLQEPLLHTFRLPAFLIKSTYNKL
YDYFQSVATPVMEQAEKLGVPKDEAVHNILFAVCFNTFGGVKILFPNTLKWIGLAGENLHTQLAEEIRGAIKSYGDGNVT
LEAIEQMPLTKSVVYESLRIEPPVPPQYGKAKSNFTIESHDATFEVKKGEMLFGYQPFATKDPKVFDRPEEYVPDRFVGD
GEALLKYVWWSNGPETESPTVENKQCAGKDFVVLITRLFVIELFRRYDSFEIELGESPLGAAVTLTFLKRASI
;
_entity_poly.pdbx_strand_id   A
#
# COMPACT_ATOMS: atom_id res chain seq x y z
N LYS A 6 19.51 18.12 -21.19
CA LYS A 6 18.23 18.33 -20.47
C LYS A 6 18.07 19.78 -19.99
N PRO A 7 17.70 20.68 -20.93
CA PRO A 7 17.49 22.13 -20.74
C PRO A 7 16.49 22.59 -19.68
N LEU A 8 16.80 23.74 -19.08
CA LEU A 8 15.95 24.33 -18.06
C LEU A 8 14.71 24.86 -18.75
N ARG A 9 13.57 24.36 -18.31
CA ARG A 9 12.29 24.74 -18.87
C ARG A 9 11.32 25.11 -17.76
N GLU A 10 10.29 25.87 -18.13
CA GLU A 10 9.27 26.27 -17.19
C GLU A 10 8.25 25.13 -17.15
N ILE A 11 7.87 24.71 -15.95
CA ILE A 11 6.90 23.62 -15.78
C ILE A 11 5.58 23.97 -16.47
N PRO A 12 5.16 23.18 -17.47
CA PRO A 12 3.92 23.39 -18.20
C PRO A 12 2.69 23.08 -17.35
N GLY A 13 1.52 23.49 -17.81
CA GLY A 13 0.31 23.21 -17.03
C GLY A 13 -0.20 24.45 -16.33
N SER A 14 -1.52 24.51 -16.13
CA SER A 14 -2.15 25.66 -15.47
C SER A 14 -3.06 25.25 -14.32
N TYR A 15 -3.33 26.21 -13.43
CA TYR A 15 -4.19 25.95 -12.28
C TYR A 15 -5.58 26.54 -12.48
N GLY A 16 -5.72 27.36 -13.52
CA GLY A 16 -7.00 27.99 -13.85
C GLY A 16 -7.66 28.82 -12.76
N ILE A 17 -8.93 29.15 -12.97
CA ILE A 17 -9.68 29.94 -12.00
C ILE A 17 -9.69 29.16 -10.68
N PRO A 18 -9.41 29.86 -9.57
CA PRO A 18 -9.33 29.37 -8.18
C PRO A 18 -10.39 28.48 -7.56
N PHE A 19 -11.62 28.52 -8.03
CA PHE A 19 -12.61 27.65 -7.40
C PHE A 19 -13.15 26.63 -8.39
N PHE A 20 -13.52 27.12 -9.56
CA PHE A 20 -14.07 26.28 -10.63
C PHE A 20 -13.12 25.16 -11.07
N GLN A 21 -11.91 25.51 -11.46
CA GLN A 21 -10.95 24.52 -11.93
C GLN A 21 -10.75 23.31 -11.00
N PRO A 22 -10.24 23.54 -9.77
CA PRO A 22 -10.05 22.39 -8.86
C PRO A 22 -11.26 21.47 -8.76
N ILE A 23 -12.45 22.04 -8.89
CA ILE A 23 -13.67 21.22 -8.84
C ILE A 23 -13.85 20.49 -10.17
N LYS A 24 -13.76 21.23 -11.27
CA LYS A 24 -13.89 20.66 -12.62
C LYS A 24 -12.88 19.53 -12.88
N ASP A 25 -11.60 19.77 -12.57
CA ASP A 25 -10.56 18.77 -12.75
C ASP A 25 -10.95 17.54 -11.95
N ARG A 26 -11.32 17.79 -10.69
CA ARG A 26 -11.73 16.76 -9.75
C ARG A 26 -12.72 15.81 -10.41
N LEU A 27 -13.76 16.37 -11.02
CA LEU A 27 -14.77 15.57 -11.70
C LEU A 27 -14.12 14.78 -12.79
N GLU A 28 -13.12 15.38 -13.44
CA GLU A 28 -12.41 14.71 -14.51
C GLU A 28 -11.69 13.51 -13.92
N TYR A 29 -10.92 13.76 -12.87
CA TYR A 29 -10.14 12.72 -12.19
C TYR A 29 -11.03 11.54 -11.81
N PHE A 30 -12.24 11.83 -11.38
CA PHE A 30 -13.15 10.79 -10.93
C PHE A 30 -14.10 10.14 -11.93
N TYR A 31 -14.57 10.90 -12.92
CA TYR A 31 -15.52 10.35 -13.87
C TYR A 31 -15.15 10.43 -15.36
N GLY A 32 -14.00 11.04 -15.67
CA GLY A 32 -13.61 11.11 -17.06
C GLY A 32 -13.29 9.73 -17.59
N THR A 33 -13.67 9.44 -18.82
CA THR A 33 -13.38 8.14 -19.40
C THR A 33 -11.86 7.92 -19.45
N GLY A 34 -11.41 6.82 -18.86
CA GLY A 34 -9.99 6.49 -18.84
C GLY A 34 -9.51 6.47 -17.39
N GLY A 35 -10.35 6.96 -16.51
CA GLY A 35 -9.97 6.97 -15.11
C GLY A 35 -8.88 8.00 -14.85
N ARG A 36 -8.38 7.96 -13.63
CA ARG A 36 -7.34 8.87 -13.20
C ARG A 36 -6.03 8.65 -13.95
N ASP A 37 -5.85 7.45 -14.49
CA ASP A 37 -4.66 7.11 -15.26
C ASP A 37 -4.69 8.01 -16.48
N GLU A 38 -5.88 8.16 -17.07
CA GLU A 38 -6.05 8.99 -18.25
C GLU A 38 -5.87 10.47 -17.91
N TYR A 39 -6.23 10.83 -16.67
CA TYR A 39 -6.10 12.21 -16.22
C TYR A 39 -4.66 12.64 -16.35
N PHE A 40 -3.75 11.69 -16.11
CA PHE A 40 -2.32 11.96 -16.18
C PHE A 40 -1.73 11.74 -17.58
N ARG A 41 -2.06 10.60 -18.17
CA ARG A 41 -1.54 10.30 -19.49
C ARG A 41 -1.88 11.41 -20.48
N SER A 42 -3.14 11.82 -20.52
CA SER A 42 -3.54 12.87 -21.47
C SER A 42 -2.84 14.20 -21.23
N ARG A 43 -2.48 14.49 -19.98
CA ARG A 43 -1.77 15.74 -19.67
C ARG A 43 -0.31 15.57 -20.03
N MET A 44 0.18 14.34 -19.93
CA MET A 44 1.56 14.02 -20.26
C MET A 44 1.70 14.29 -21.74
N GLN A 45 0.68 13.88 -22.49
CA GLN A 45 0.67 14.06 -23.94
C GLN A 45 0.48 15.50 -24.38
N LYS A 46 -0.46 16.18 -23.74
CA LYS A 46 -0.78 17.56 -24.08
C LYS A 46 0.43 18.48 -24.07
N TYR A 47 1.20 18.43 -23.00
CA TYR A 47 2.38 19.28 -22.86
C TYR A 47 3.70 18.61 -23.24
N GLN A 48 3.64 17.38 -23.76
CA GLN A 48 4.85 16.64 -24.12
C GLN A 48 5.84 16.74 -22.96
N SER A 49 5.34 16.50 -21.75
CA SER A 49 6.15 16.55 -20.53
C SER A 49 5.63 15.56 -19.49
N THR A 50 6.52 14.90 -18.76
CA THR A 50 6.10 13.94 -17.75
C THR A 50 6.06 14.61 -16.38
N VAL A 51 6.28 15.91 -16.38
CA VAL A 51 6.25 16.73 -15.18
C VAL A 51 5.44 17.97 -15.57
N PHE A 52 4.32 18.21 -14.90
CA PHE A 52 3.48 19.35 -15.23
C PHE A 52 2.67 19.82 -14.04
N ARG A 53 2.02 20.97 -14.20
CA ARG A 53 1.20 21.55 -13.15
C ARG A 53 -0.22 21.02 -13.22
N ALA A 54 -0.82 20.86 -12.05
CA ALA A 54 -2.19 20.35 -12.01
C ALA A 54 -2.87 20.49 -10.66
N ASN A 55 -4.19 20.36 -10.67
CA ASN A 55 -4.98 20.39 -9.46
C ASN A 55 -5.17 18.90 -9.13
N MET A 56 -5.42 18.60 -7.87
CA MET A 56 -5.65 17.21 -7.46
C MET A 56 -6.83 17.18 -6.49
N PRO A 57 -7.57 16.06 -6.46
CA PRO A 57 -8.69 16.00 -5.52
C PRO A 57 -8.06 16.15 -4.14
N PRO A 58 -8.87 16.35 -3.08
CA PRO A 58 -10.33 16.45 -3.08
C PRO A 58 -10.83 17.84 -3.44
N GLY A 59 -9.91 18.81 -3.45
CA GLY A 59 -10.28 20.16 -3.79
C GLY A 59 -11.15 20.89 -2.78
N PRO A 60 -12.00 21.81 -3.26
CA PRO A 60 -12.93 22.65 -2.51
C PRO A 60 -12.87 22.66 -1.00
N PHE A 61 -14.00 22.39 -0.34
CA PHE A 61 -14.02 22.49 1.11
C PHE A 61 -13.13 21.59 1.98
N VAL A 62 -12.80 20.39 1.53
CA VAL A 62 -11.95 19.55 2.35
C VAL A 62 -10.47 19.90 2.19
N SER A 63 -10.11 20.48 1.05
CA SER A 63 -8.72 20.86 0.80
C SER A 63 -8.59 22.34 0.46
N SER A 64 -7.68 23.03 1.13
CA SER A 64 -7.49 24.47 0.91
C SER A 64 -6.43 24.81 -0.13
N ASN A 65 -5.77 23.81 -0.68
CA ASN A 65 -4.73 24.04 -1.68
C ASN A 65 -4.62 22.84 -2.59
N PRO A 66 -5.30 22.87 -3.74
CA PRO A 66 -5.30 21.79 -4.71
C PRO A 66 -4.10 21.77 -5.68
N LYS A 67 -3.37 22.88 -5.73
CA LYS A 67 -2.23 23.04 -6.65
C LYS A 67 -1.01 22.18 -6.35
N VAL A 68 -0.58 21.42 -7.36
CA VAL A 68 0.59 20.56 -7.21
C VAL A 68 1.40 20.50 -8.51
N ILE A 69 2.50 19.76 -8.47
CA ILE A 69 3.38 19.53 -9.63
C ILE A 69 3.44 18.01 -9.77
N VAL A 70 3.00 17.49 -10.92
CA VAL A 70 2.94 16.06 -11.17
C VAL A 70 4.22 15.43 -11.69
N LEU A 71 4.67 14.37 -11.02
CA LEU A 71 5.86 13.65 -11.45
C LEU A 71 5.38 12.33 -12.00
N LEU A 72 5.80 12.00 -13.23
CA LEU A 72 5.36 10.75 -13.83
C LEU A 72 6.50 9.85 -14.29
N ASP A 73 7.72 10.39 -14.33
CA ASP A 73 8.89 9.62 -14.78
C ASP A 73 9.81 9.19 -13.66
N ALA A 74 10.61 8.16 -13.93
CA ALA A 74 11.55 7.58 -12.96
C ALA A 74 12.71 8.51 -12.61
N LYS A 75 12.98 9.45 -13.51
CA LYS A 75 14.06 10.40 -13.34
C LYS A 75 13.76 11.45 -12.27
N SER A 76 12.57 12.07 -12.34
CA SER A 76 12.17 13.09 -11.38
C SER A 76 11.58 12.55 -10.07
N PHE A 77 10.72 11.54 -10.19
CA PHE A 77 10.06 10.92 -9.06
C PHE A 77 10.87 10.78 -7.75
N PRO A 78 12.17 10.42 -7.85
CA PRO A 78 13.01 10.24 -6.66
C PRO A 78 13.06 11.39 -5.64
N ILE A 79 13.01 12.62 -6.13
CA ILE A 79 13.08 13.78 -5.25
C ILE A 79 12.16 13.64 -4.06
N LEU A 80 11.06 12.94 -4.26
CA LEU A 80 10.07 12.73 -3.21
C LEU A 80 10.62 11.97 -2.01
N PHE A 81 11.67 11.20 -2.21
CA PHE A 81 12.25 10.42 -1.12
C PHE A 81 13.22 11.26 -0.32
N ASP A 82 13.86 12.20 -1.01
CA ASP A 82 14.84 13.11 -0.43
C ASP A 82 14.24 14.04 0.61
N VAL A 83 14.14 13.57 1.85
CA VAL A 83 13.58 14.36 2.93
C VAL A 83 14.37 15.65 3.23
N SER A 84 15.56 15.77 2.68
CA SER A 84 16.37 16.96 2.91
C SER A 84 15.81 18.11 2.07
N LYS A 85 14.99 17.77 1.08
CA LYS A 85 14.41 18.77 0.19
C LYS A 85 12.89 18.84 0.24
N VAL A 86 12.22 17.72 0.45
CA VAL A 86 10.76 17.77 0.55
C VAL A 86 10.38 17.55 1.99
N GLU A 87 9.30 18.21 2.41
CA GLU A 87 8.79 18.06 3.76
C GLU A 87 7.72 16.99 3.70
N LYS A 88 7.53 16.28 4.80
CA LYS A 88 6.52 15.23 4.83
C LYS A 88 5.57 15.41 6.00
N LYS A 89 5.14 16.66 6.22
CA LYS A 89 4.24 16.97 7.31
C LYS A 89 2.77 17.03 6.89
N ASP A 90 1.95 16.22 7.56
CA ASP A 90 0.50 16.12 7.30
C ASP A 90 0.08 15.95 5.84
N LEU A 91 0.83 15.17 5.07
CA LEU A 91 0.48 14.95 3.67
C LEU A 91 0.48 13.47 3.31
N PHE A 92 0.32 12.62 4.32
CA PHE A 92 0.29 11.17 4.15
C PHE A 92 -0.79 10.86 3.10
N THR A 93 -1.88 11.61 3.15
CA THR A 93 -2.90 11.38 2.17
C THR A 93 -2.66 12.26 0.96
N GLY A 94 -2.52 13.56 1.15
CA GLY A 94 -2.27 14.44 0.03
C GLY A 94 -2.43 15.89 0.42
N THR A 95 -3.20 16.65 -0.37
CA THR A 95 -3.45 18.05 -0.08
C THR A 95 -4.59 18.19 0.91
N TYR A 96 -4.63 17.31 1.91
CA TYR A 96 -5.67 17.33 2.93
C TYR A 96 -5.33 16.25 3.96
N MET A 97 -5.75 16.44 5.20
CA MET A 97 -5.45 15.49 6.26
C MET A 97 -6.72 15.15 7.00
N PRO A 98 -7.07 13.86 7.07
CA PRO A 98 -8.28 13.40 7.76
C PRO A 98 -8.35 13.98 9.18
N SER A 99 -9.53 14.45 9.59
CA SER A 99 -9.65 15.02 10.91
C SER A 99 -9.02 14.11 11.96
N THR A 100 -8.35 14.74 12.92
CA THR A 100 -7.69 14.04 14.01
C THR A 100 -8.69 13.35 14.93
N LYS A 101 -9.95 13.79 14.89
CA LYS A 101 -10.99 13.17 15.71
C LYS A 101 -11.08 11.68 15.35
N LEU A 102 -10.66 11.35 14.13
CA LEU A 102 -10.69 9.97 13.67
C LEU A 102 -9.46 9.21 14.14
N THR A 103 -8.63 9.85 14.95
CA THR A 103 -7.43 9.20 15.47
C THR A 103 -7.06 9.65 16.90
N GLY A 104 -8.03 9.58 17.81
CA GLY A 104 -7.81 9.92 19.20
C GLY A 104 -7.47 11.34 19.59
N GLY A 105 -7.52 12.25 18.62
CA GLY A 105 -7.21 13.64 18.88
C GLY A 105 -5.75 13.87 18.57
N TYR A 106 -5.02 12.78 18.41
CA TYR A 106 -3.59 12.83 18.12
C TYR A 106 -3.27 12.84 16.61
N ARG A 107 -2.08 13.34 16.30
CA ARG A 107 -1.59 13.34 14.93
C ARG A 107 -0.69 12.11 14.95
N VAL A 108 -1.13 11.03 14.30
CA VAL A 108 -0.37 9.79 14.29
C VAL A 108 0.90 9.83 13.45
N LEU A 109 1.78 8.88 13.71
CA LEU A 109 3.06 8.76 13.02
C LEU A 109 3.10 9.05 11.53
N SER A 110 2.30 8.35 10.76
CA SER A 110 2.31 8.52 9.31
C SER A 110 2.32 9.97 8.79
N TYR A 111 1.68 10.87 9.54
CA TYR A 111 1.57 12.28 9.15
C TYR A 111 2.72 13.17 9.65
N LEU A 112 3.68 12.58 10.36
CA LEU A 112 4.78 13.35 10.94
C LEU A 112 6.06 13.46 10.10
N ASP A 113 6.72 14.61 10.20
CA ASP A 113 7.98 14.86 9.47
C ASP A 113 9.12 14.33 10.35
N PRO A 114 10.16 13.75 9.74
CA PRO A 114 11.23 13.25 10.60
C PRO A 114 11.84 14.31 11.54
N SER A 115 11.54 15.57 11.28
CA SER A 115 12.06 16.65 12.12
C SER A 115 11.20 16.79 13.36
N GLU A 116 10.23 15.91 13.53
CA GLU A 116 9.34 15.94 14.69
C GLU A 116 9.77 14.80 15.62
N PRO A 117 10.20 15.13 16.84
CA PRO A 117 10.63 14.12 17.81
C PRO A 117 9.76 12.85 17.79
N ARG A 118 8.45 13.02 17.92
CA ARG A 118 7.52 11.90 17.91
C ARG A 118 7.69 10.96 16.70
N HIS A 119 8.24 11.49 15.61
CA HIS A 119 8.44 10.64 14.43
C HIS A 119 9.40 9.50 14.77
N ALA A 120 10.59 9.85 15.22
CA ALA A 120 11.60 8.89 15.59
C ALA A 120 11.10 8.02 16.73
N GLN A 121 10.31 8.62 17.61
CA GLN A 121 9.76 7.91 18.77
C GLN A 121 8.73 6.86 18.41
N LEU A 122 7.75 7.27 17.62
CA LEU A 122 6.68 6.36 17.22
C LEU A 122 7.14 5.35 16.19
N LYS A 123 8.17 5.71 15.43
CA LYS A 123 8.69 4.77 14.44
C LYS A 123 9.43 3.64 15.18
N ASN A 124 10.26 3.99 16.16
CA ASN A 124 10.97 2.98 16.92
C ASN A 124 9.95 2.10 17.63
N LEU A 125 8.89 2.72 18.16
CA LEU A 125 7.83 1.96 18.83
C LEU A 125 7.30 0.92 17.86
N LEU A 126 7.16 1.31 16.61
CA LEU A 126 6.68 0.39 15.60
C LEU A 126 7.73 -0.65 15.25
N PHE A 127 9.00 -0.24 15.31
CA PHE A 127 10.09 -1.18 15.00
C PHE A 127 10.12 -2.28 16.05
N PHE A 128 9.73 -1.93 17.28
CA PHE A 128 9.69 -2.90 18.35
C PHE A 128 8.56 -3.90 18.13
N MET A 129 7.39 -3.40 17.76
CA MET A 129 6.22 -4.26 17.53
C MET A 129 6.53 -5.32 16.46
N LEU A 130 7.30 -4.95 15.45
CA LEU A 130 7.66 -5.86 14.38
C LEU A 130 8.69 -6.87 14.87
N LYS A 131 9.85 -6.36 15.26
CA LYS A 131 10.94 -7.16 15.76
C LYS A 131 10.43 -8.07 16.88
N ASN A 132 9.72 -7.47 17.83
CA ASN A 132 9.20 -8.20 18.97
C ASN A 132 8.21 -9.27 18.56
N SER A 133 7.86 -9.33 17.27
CA SER A 133 6.92 -10.34 16.81
C SER A 133 7.49 -11.11 15.63
N SER A 134 8.77 -10.88 15.33
CA SER A 134 9.43 -11.56 14.22
C SER A 134 9.84 -12.97 14.64
N ASN A 135 8.86 -13.75 15.07
CA ASN A 135 9.13 -15.10 15.53
C ASN A 135 7.82 -15.87 15.43
N ARG A 136 6.72 -15.13 15.33
CA ARG A 136 5.40 -15.71 15.19
C ARG A 136 4.98 -15.58 13.73
N VAL A 137 5.62 -14.67 13.02
CA VAL A 137 5.33 -14.41 11.61
C VAL A 137 5.19 -15.66 10.74
N ILE A 138 6.28 -16.42 10.59
CA ILE A 138 6.24 -17.63 9.77
C ILE A 138 5.32 -18.70 10.34
N PRO A 139 5.45 -19.01 11.64
CA PRO A 139 4.57 -20.04 12.21
C PRO A 139 3.10 -19.63 12.08
N GLN A 140 2.77 -18.45 12.61
CA GLN A 140 1.40 -17.96 12.56
C GLN A 140 0.86 -17.72 11.15
N PHE A 141 1.73 -17.51 10.17
CA PHE A 141 1.23 -17.29 8.82
C PHE A 141 0.70 -18.59 8.24
N GLU A 142 1.51 -19.66 8.28
CA GLU A 142 1.06 -20.94 7.75
C GLU A 142 -0.28 -21.26 8.37
N THR A 143 -0.33 -21.19 9.68
CA THR A 143 -1.55 -21.47 10.45
C THR A 143 -2.78 -20.75 9.93
N THR A 144 -2.64 -19.46 9.61
CA THR A 144 -3.77 -18.68 9.15
C THR A 144 -4.19 -18.88 7.68
N TYR A 145 -3.23 -19.13 6.79
CA TYR A 145 -3.60 -19.33 5.40
C TYR A 145 -3.93 -20.77 5.10
N THR A 146 -3.55 -21.67 5.99
CA THR A 146 -3.86 -23.08 5.81
C THR A 146 -5.31 -23.20 6.29
N GLU A 147 -5.82 -22.14 6.90
CA GLU A 147 -7.20 -22.11 7.37
C GLU A 147 -7.98 -21.63 6.17
N LEU A 148 -7.38 -20.62 5.56
CA LEU A 148 -7.91 -19.93 4.40
C LEU A 148 -8.06 -20.74 3.12
N PHE A 149 -6.95 -21.30 2.66
CA PHE A 149 -6.98 -22.11 1.45
C PHE A 149 -8.01 -23.18 1.76
N GLU A 150 -7.83 -23.82 2.90
CA GLU A 150 -8.75 -24.87 3.33
C GLU A 150 -10.17 -24.37 3.14
N GLY A 151 -10.53 -23.34 3.90
CA GLY A 151 -11.87 -22.76 3.82
C GLY A 151 -12.32 -22.47 2.41
N LEU A 152 -11.38 -22.09 1.56
CA LEU A 152 -11.65 -21.80 0.16
C LEU A 152 -11.85 -23.05 -0.69
N GLU A 153 -11.18 -24.12 -0.29
CA GLU A 153 -11.27 -25.37 -1.04
C GLU A 153 -12.66 -25.96 -0.96
N ALA A 154 -13.25 -25.88 0.23
CA ALA A 154 -14.58 -26.40 0.44
C ALA A 154 -15.61 -25.55 -0.26
N GLU A 155 -15.42 -24.24 -0.20
CA GLU A 155 -16.37 -23.32 -0.82
C GLU A 155 -16.34 -23.46 -2.32
N LEU A 156 -15.24 -23.99 -2.84
CA LEU A 156 -15.12 -24.17 -4.27
C LEU A 156 -15.98 -25.36 -4.71
N ALA A 157 -15.63 -26.55 -4.23
CA ALA A 157 -16.37 -27.76 -4.59
C ALA A 157 -17.85 -27.61 -4.24
N LYS A 158 -18.12 -26.75 -3.27
CA LYS A 158 -19.49 -26.53 -2.86
C LYS A 158 -20.33 -25.87 -3.97
N ASN A 159 -19.82 -24.78 -4.55
CA ASN A 159 -20.57 -24.07 -5.59
C ASN A 159 -19.82 -23.70 -6.85
N GLY A 160 -18.69 -24.35 -7.11
CA GLY A 160 -17.95 -24.02 -8.32
C GLY A 160 -16.88 -22.97 -8.13
N LYS A 161 -17.24 -21.85 -7.51
CA LYS A 161 -16.26 -20.77 -7.28
C LYS A 161 -16.27 -20.24 -5.85
N ALA A 162 -15.20 -19.55 -5.50
CA ALA A 162 -15.07 -18.97 -4.17
C ALA A 162 -14.38 -17.61 -4.28
N ALA A 163 -15.04 -16.58 -3.78
CA ALA A 163 -14.46 -15.23 -3.83
C ALA A 163 -13.28 -15.22 -2.89
N PHE A 164 -12.23 -14.50 -3.25
CA PHE A 164 -11.04 -14.44 -2.42
C PHE A 164 -11.01 -13.25 -1.47
N ASN A 165 -11.23 -12.06 -2.02
CA ASN A 165 -11.17 -10.82 -1.26
C ASN A 165 -11.64 -10.80 0.20
N ASP A 166 -12.94 -10.93 0.44
CA ASP A 166 -13.46 -10.88 1.81
C ASP A 166 -12.82 -11.84 2.80
N VAL A 167 -12.79 -13.12 2.44
CA VAL A 167 -12.20 -14.16 3.28
C VAL A 167 -10.74 -13.81 3.53
N GLY A 168 -10.06 -13.47 2.44
CA GLY A 168 -8.65 -13.13 2.50
C GLY A 168 -8.35 -12.02 3.47
N GLU A 169 -9.27 -11.08 3.61
CA GLU A 169 -9.08 -9.96 4.55
C GLU A 169 -9.22 -10.43 5.98
N GLN A 170 -10.17 -11.34 6.21
CA GLN A 170 -10.40 -11.87 7.56
C GLN A 170 -9.18 -12.63 8.01
N ALA A 171 -8.60 -13.37 7.07
CA ALA A 171 -7.40 -14.14 7.34
C ALA A 171 -6.27 -13.15 7.62
N ALA A 172 -6.18 -12.12 6.78
CA ALA A 172 -5.16 -11.09 6.92
C ALA A 172 -5.16 -10.51 8.34
N PHE A 173 -6.34 -10.13 8.83
CA PHE A 173 -6.44 -9.55 10.17
C PHE A 173 -6.27 -10.64 11.23
N ARG A 174 -6.57 -11.88 10.87
CA ARG A 174 -6.40 -12.98 11.82
C ARG A 174 -4.89 -13.17 12.00
N PHE A 175 -4.18 -13.17 10.87
CA PHE A 175 -2.74 -13.34 10.87
C PHE A 175 -2.01 -12.20 11.57
N LEU A 176 -2.51 -10.98 11.38
CA LEU A 176 -1.87 -9.84 12.03
C LEU A 176 -1.98 -9.90 13.54
N GLY A 177 -3.19 -10.16 14.04
CA GLY A 177 -3.38 -10.22 15.48
C GLY A 177 -2.51 -11.33 16.04
N ARG A 178 -2.61 -12.48 15.40
CA ARG A 178 -1.84 -13.64 15.79
C ARG A 178 -0.36 -13.32 16.01
N ALA A 179 0.27 -12.80 14.97
CA ALA A 179 1.69 -12.48 15.02
C ALA A 179 2.07 -11.27 15.84
N TYR A 180 1.51 -10.12 15.50
CA TYR A 180 1.83 -8.91 16.25
C TYR A 180 1.51 -9.12 17.73
N PHE A 181 0.37 -9.72 18.03
CA PHE A 181 -0.01 -9.87 19.42
C PHE A 181 -0.32 -11.27 19.96
N ASN A 182 0.01 -12.29 19.17
CA ASN A 182 -0.25 -13.66 19.59
C ASN A 182 -1.72 -13.79 19.99
N SER A 183 -2.59 -13.14 19.22
CA SER A 183 -4.03 -13.15 19.47
C SER A 183 -4.89 -13.45 18.25
N ASN A 184 -5.94 -14.26 18.45
CA ASN A 184 -6.86 -14.55 17.36
C ASN A 184 -8.03 -13.66 17.66
N PRO A 185 -8.16 -12.55 16.91
CA PRO A 185 -9.25 -11.60 17.09
C PRO A 185 -10.64 -12.19 16.93
N GLU A 186 -10.73 -13.25 16.15
CA GLU A 186 -12.02 -13.89 15.91
C GLU A 186 -12.45 -14.64 17.16
N GLU A 187 -11.66 -14.53 18.23
CA GLU A 187 -12.04 -15.19 19.47
C GLU A 187 -12.46 -14.13 20.49
N THR A 188 -12.50 -12.87 20.05
CA THR A 188 -12.90 -11.77 20.91
C THR A 188 -14.25 -11.30 20.39
N LYS A 189 -14.78 -10.22 20.98
CA LYS A 189 -16.06 -9.69 20.54
C LYS A 189 -16.07 -9.33 19.05
N LEU A 190 -14.94 -8.86 18.53
CA LEU A 190 -14.84 -8.48 17.11
C LEU A 190 -15.37 -9.52 16.13
N GLY A 191 -15.32 -10.79 16.50
CA GLY A 191 -15.78 -11.81 15.57
C GLY A 191 -14.99 -11.73 14.28
N THR A 192 -15.55 -12.24 13.20
CA THR A 192 -14.88 -12.20 11.91
C THR A 192 -15.23 -10.91 11.21
N SER A 193 -15.66 -9.93 11.99
CA SER A 193 -16.07 -8.64 11.44
C SER A 193 -15.14 -7.48 11.73
N ALA A 194 -13.87 -7.62 11.37
CA ALA A 194 -12.90 -6.54 11.58
C ALA A 194 -12.73 -5.83 10.24
N PRO A 195 -12.55 -6.59 9.14
CA PRO A 195 -12.38 -5.98 7.83
C PRO A 195 -13.47 -4.94 7.54
N THR A 196 -14.68 -5.21 8.04
CA THR A 196 -15.79 -4.32 7.83
C THR A 196 -15.64 -3.07 8.70
N LEU A 197 -15.29 -3.27 9.97
CA LEU A 197 -15.10 -2.16 10.90
C LEU A 197 -14.06 -1.20 10.34
N ILE A 198 -12.94 -1.79 9.92
CA ILE A 198 -11.79 -1.07 9.36
C ILE A 198 -12.15 -0.30 8.10
N SER A 199 -12.95 -0.91 7.24
CA SER A 199 -13.36 -0.24 6.01
C SER A 199 -14.17 0.96 6.40
N SER A 200 -15.25 0.69 7.13
CA SER A 200 -16.16 1.72 7.58
C SER A 200 -15.37 2.93 8.14
N TRP A 201 -14.34 2.62 8.93
CA TRP A 201 -13.48 3.64 9.54
C TRP A 201 -12.54 4.32 8.54
N VAL A 202 -11.94 3.54 7.67
CA VAL A 202 -11.03 4.12 6.69
C VAL A 202 -11.82 4.99 5.71
N LEU A 203 -13.02 4.55 5.38
CA LEU A 203 -13.86 5.30 4.47
C LEU A 203 -14.05 6.70 5.00
N PHE A 204 -14.38 6.82 6.27
CA PHE A 204 -14.56 8.14 6.84
C PHE A 204 -13.32 9.01 6.58
N ASN A 205 -12.14 8.45 6.82
CA ASN A 205 -10.88 9.18 6.61
C ASN A 205 -10.61 9.58 5.16
N LEU A 206 -10.53 8.58 4.27
CA LEU A 206 -10.20 8.78 2.87
C LEU A 206 -11.35 9.20 1.95
N ALA A 207 -12.56 9.21 2.47
CA ALA A 207 -13.74 9.58 1.69
C ALA A 207 -13.56 10.67 0.61
N PRO A 208 -12.90 11.80 0.96
CA PRO A 208 -12.69 12.87 -0.02
C PRO A 208 -11.90 12.53 -1.28
N THR A 209 -11.04 11.51 -1.23
CA THR A 209 -10.26 11.19 -2.43
C THR A 209 -10.49 9.78 -2.89
N LEU A 210 -11.57 9.18 -2.41
CA LEU A 210 -11.92 7.81 -2.78
C LEU A 210 -13.02 7.74 -3.85
N ASP A 211 -12.81 6.92 -4.87
CA ASP A 211 -13.84 6.73 -5.89
C ASP A 211 -14.44 5.36 -5.52
N LEU A 212 -15.72 5.33 -5.19
CA LEU A 212 -16.38 4.08 -4.85
C LEU A 212 -17.11 3.58 -6.09
N GLY A 213 -16.94 4.29 -7.20
CA GLY A 213 -17.58 3.89 -8.44
C GLY A 213 -19.06 4.22 -8.42
N LEU A 214 -19.42 5.19 -7.58
CA LEU A 214 -20.79 5.63 -7.46
C LEU A 214 -21.06 6.84 -8.34
N PRO A 215 -22.33 7.07 -8.71
CA PRO A 215 -22.69 8.21 -9.54
C PRO A 215 -22.07 9.51 -9.02
N TRP A 216 -21.67 10.37 -9.95
CA TRP A 216 -21.07 11.64 -9.59
C TRP A 216 -22.03 12.52 -8.80
N PHE A 217 -23.33 12.37 -9.03
CA PHE A 217 -24.31 13.16 -8.31
C PHE A 217 -24.64 12.57 -6.94
N LEU A 218 -23.83 11.61 -6.52
CA LEU A 218 -24.01 11.00 -5.21
C LEU A 218 -22.71 11.20 -4.46
N GLN A 219 -21.61 10.88 -5.16
CA GLN A 219 -20.27 11.02 -4.61
C GLN A 219 -19.85 12.45 -4.37
N GLU A 220 -20.16 13.34 -5.31
CA GLU A 220 -19.77 14.72 -5.11
C GLU A 220 -20.40 15.41 -3.91
N PRO A 221 -21.72 15.33 -3.76
CA PRO A 221 -22.26 16.01 -2.57
C PRO A 221 -21.92 15.29 -1.27
N LEU A 222 -22.18 13.98 -1.27
CA LEU A 222 -21.96 13.20 -0.07
C LEU A 222 -20.55 12.89 0.38
N LEU A 223 -19.66 12.56 -0.55
CA LEU A 223 -18.30 12.20 -0.15
C LEU A 223 -17.15 13.14 -0.52
N HIS A 224 -17.31 13.93 -1.59
CA HIS A 224 -16.22 14.78 -2.04
C HIS A 224 -16.25 16.27 -1.80
N THR A 225 -17.23 16.77 -1.06
CA THR A 225 -17.26 18.21 -0.81
C THR A 225 -17.05 18.58 0.66
N PHE A 226 -17.41 17.68 1.56
CA PHE A 226 -17.26 17.94 2.98
C PHE A 226 -16.65 16.72 3.66
N ARG A 227 -16.33 16.84 4.94
CA ARG A 227 -15.76 15.72 5.69
C ARG A 227 -16.93 15.02 6.38
N LEU A 228 -16.86 13.71 6.48
CA LEU A 228 -17.95 12.99 7.12
C LEU A 228 -17.88 13.20 8.62
N PRO A 229 -19.04 13.43 9.27
CA PRO A 229 -19.11 13.64 10.72
C PRO A 229 -18.42 12.50 11.44
N ALA A 230 -17.33 12.81 12.13
CA ALA A 230 -16.58 11.79 12.85
C ALA A 230 -17.39 11.04 13.88
N PHE A 231 -18.25 11.76 14.58
CA PHE A 231 -19.05 11.15 15.63
C PHE A 231 -19.80 9.93 15.13
N LEU A 232 -20.09 9.87 13.84
CA LEU A 232 -20.80 8.72 13.32
C LEU A 232 -19.98 7.43 13.41
N ILE A 233 -18.70 7.50 13.04
CA ILE A 233 -17.82 6.33 13.07
C ILE A 233 -17.38 5.97 14.49
N LYS A 234 -17.33 6.98 15.36
CA LYS A 234 -16.90 6.83 16.75
C LYS A 234 -17.15 5.48 17.41
N SER A 235 -18.38 4.99 17.33
CA SER A 235 -18.73 3.71 17.94
C SER A 235 -17.85 2.58 17.42
N THR A 236 -17.75 2.50 16.10
CA THR A 236 -16.97 1.47 15.42
C THR A 236 -15.49 1.54 15.76
N TYR A 237 -14.98 2.76 15.86
CA TYR A 237 -13.57 2.97 16.15
C TYR A 237 -13.18 2.43 17.51
N ASN A 238 -14.09 2.52 18.48
CA ASN A 238 -13.80 2.03 19.81
C ASN A 238 -13.77 0.51 19.87
N LYS A 239 -14.56 -0.14 19.00
CA LYS A 239 -14.62 -1.59 18.95
C LYS A 239 -13.23 -2.13 18.61
N LEU A 240 -12.52 -1.38 17.76
CA LEU A 240 -11.17 -1.75 17.35
C LEU A 240 -10.20 -1.28 18.42
N TYR A 241 -10.49 -0.13 19.02
CA TYR A 241 -9.63 0.41 20.07
C TYR A 241 -9.59 -0.54 21.26
N ASP A 242 -10.74 -1.10 21.63
CA ASP A 242 -10.81 -2.03 22.76
C ASP A 242 -9.88 -3.21 22.49
N TYR A 243 -9.94 -3.74 21.28
CA TYR A 243 -9.11 -4.87 20.93
C TYR A 243 -7.61 -4.58 21.13
N PHE A 244 -7.12 -3.57 20.44
CA PHE A 244 -5.71 -3.23 20.54
C PHE A 244 -5.24 -2.85 21.93
N GLN A 245 -6.08 -2.16 22.69
CA GLN A 245 -5.69 -1.76 24.03
C GLN A 245 -5.39 -2.93 24.94
N SER A 246 -6.14 -4.01 24.80
CA SER A 246 -5.96 -5.18 25.68
C SER A 246 -5.12 -6.32 25.13
N VAL A 247 -4.47 -6.11 23.99
CA VAL A 247 -3.64 -7.17 23.41
C VAL A 247 -2.25 -6.66 23.08
N ALA A 248 -2.13 -5.35 22.94
CA ALA A 248 -0.85 -4.74 22.60
C ALA A 248 -0.06 -4.37 23.84
N THR A 249 -0.28 -5.11 24.91
CA THR A 249 0.40 -4.83 26.17
C THR A 249 1.92 -4.60 26.03
N PRO A 250 2.67 -5.64 25.62
CA PRO A 250 4.12 -5.45 25.49
C PRO A 250 4.53 -4.17 24.77
N VAL A 251 3.94 -3.94 23.60
CA VAL A 251 4.21 -2.76 22.78
C VAL A 251 3.76 -1.48 23.51
N MET A 252 2.68 -1.57 24.26
CA MET A 252 2.17 -0.42 25.00
C MET A 252 3.11 0.02 26.12
N GLU A 253 3.99 -0.90 26.55
CA GLU A 253 4.94 -0.59 27.60
C GLU A 253 6.19 0.06 27.02
N GLN A 254 6.63 -0.47 25.88
CA GLN A 254 7.80 0.07 25.20
C GLN A 254 7.52 1.54 24.89
N ALA A 255 6.25 1.84 24.60
CA ALA A 255 5.85 3.20 24.30
C ALA A 255 6.18 4.11 25.48
N GLU A 256 5.99 3.62 26.70
CA GLU A 256 6.29 4.40 27.90
C GLU A 256 7.80 4.56 28.00
N LYS A 257 8.51 3.46 27.78
CA LYS A 257 9.96 3.46 27.83
C LYS A 257 10.52 4.46 26.80
N LEU A 258 9.72 4.77 25.78
CA LEU A 258 10.13 5.70 24.72
C LEU A 258 9.69 7.12 24.99
N GLY A 259 8.84 7.31 25.99
CA GLY A 259 8.34 8.64 26.33
C GLY A 259 6.99 8.91 25.68
N VAL A 260 6.28 7.85 25.33
CA VAL A 260 4.96 7.98 24.69
C VAL A 260 3.89 7.37 25.58
N PRO A 261 2.82 8.12 25.85
CA PRO A 261 1.70 7.65 26.70
C PRO A 261 0.98 6.46 26.12
N LYS A 262 0.42 5.61 26.98
CA LYS A 262 -0.29 4.42 26.52
C LYS A 262 -1.44 4.72 25.56
N ASP A 263 -2.29 5.67 25.92
CA ASP A 263 -3.42 6.05 25.06
C ASP A 263 -2.92 6.39 23.66
N GLU A 264 -2.07 7.41 23.56
CA GLU A 264 -1.55 7.81 22.27
C GLU A 264 -0.92 6.64 21.53
N ALA A 265 -0.31 5.73 22.27
CA ALA A 265 0.33 4.56 21.67
C ALA A 265 -0.70 3.65 21.02
N VAL A 266 -1.77 3.35 21.75
CA VAL A 266 -2.84 2.49 21.24
C VAL A 266 -3.45 3.01 19.93
N HIS A 267 -3.60 4.32 19.82
CA HIS A 267 -4.17 4.93 18.62
C HIS A 267 -3.22 4.80 17.43
N ASN A 268 -1.92 4.83 17.70
CA ASN A 268 -0.89 4.69 16.68
C ASN A 268 -0.73 3.21 16.28
N ILE A 269 -0.87 2.33 17.26
CA ILE A 269 -0.77 0.91 17.01
C ILE A 269 -1.96 0.55 16.12
N LEU A 270 -3.15 0.96 16.56
CA LEU A 270 -4.38 0.69 15.82
C LEU A 270 -4.31 1.20 14.38
N PHE A 271 -3.67 2.35 14.18
CA PHE A 271 -3.54 2.91 12.85
C PHE A 271 -2.59 2.06 12.02
N ALA A 272 -1.44 1.75 12.59
CA ALA A 272 -0.41 0.97 11.92
C ALA A 272 -0.91 -0.40 11.49
N VAL A 273 -1.69 -1.03 12.35
CA VAL A 273 -2.19 -2.36 12.05
C VAL A 273 -3.39 -2.36 11.10
N CYS A 274 -4.34 -1.46 11.35
CA CYS A 274 -5.57 -1.38 10.55
C CYS A 274 -5.46 -0.60 9.26
N PHE A 275 -4.81 0.55 9.33
CA PHE A 275 -4.65 1.42 8.17
C PHE A 275 -3.45 1.06 7.31
N ASN A 276 -2.25 1.08 7.90
CA ASN A 276 -1.05 0.75 7.15
C ASN A 276 -0.99 -0.72 6.71
N THR A 277 -0.81 -1.62 7.67
CA THR A 277 -0.73 -3.05 7.35
C THR A 277 -1.92 -3.56 6.55
N PHE A 278 -3.06 -3.70 7.24
CA PHE A 278 -4.30 -4.19 6.66
C PHE A 278 -4.67 -3.53 5.35
N GLY A 279 -4.72 -2.21 5.34
CA GLY A 279 -5.08 -1.51 4.13
C GLY A 279 -4.23 -1.95 2.96
N GLY A 280 -2.94 -2.13 3.22
CA GLY A 280 -2.03 -2.55 2.17
C GLY A 280 -2.22 -3.97 1.68
N VAL A 281 -2.40 -4.90 2.60
CA VAL A 281 -2.56 -6.30 2.22
C VAL A 281 -3.91 -6.53 1.55
N LYS A 282 -4.90 -5.73 1.94
CA LYS A 282 -6.24 -5.82 1.37
C LYS A 282 -6.15 -5.67 -0.15
N ILE A 283 -5.07 -5.02 -0.59
CA ILE A 283 -4.85 -4.77 -2.00
C ILE A 283 -3.77 -5.66 -2.61
N LEU A 284 -2.56 -5.62 -2.04
CA LEU A 284 -1.41 -6.38 -2.54
C LEU A 284 -1.60 -7.89 -2.73
N PHE A 285 -2.26 -8.56 -1.79
CA PHE A 285 -2.45 -10.00 -1.93
C PHE A 285 -3.35 -10.37 -3.11
N PRO A 286 -4.53 -9.75 -3.25
CA PRO A 286 -5.42 -10.06 -4.36
C PRO A 286 -4.77 -9.83 -5.73
N ASN A 287 -4.00 -8.74 -5.83
CA ASN A 287 -3.29 -8.38 -7.06
C ASN A 287 -2.17 -9.38 -7.33
N THR A 288 -1.48 -9.78 -6.27
CA THR A 288 -0.39 -10.73 -6.42
C THR A 288 -0.95 -12.07 -6.82
N LEU A 289 -2.08 -12.43 -6.23
CA LEU A 289 -2.74 -13.68 -6.58
C LEU A 289 -3.25 -13.56 -8.03
N LYS A 290 -3.51 -12.33 -8.45
CA LYS A 290 -3.98 -12.07 -9.81
C LYS A 290 -2.87 -12.17 -10.85
N TRP A 291 -1.84 -11.33 -10.70
CA TRP A 291 -0.70 -11.33 -11.62
C TRP A 291 -0.10 -12.73 -11.79
N ILE A 292 -0.04 -13.49 -10.71
CA ILE A 292 0.49 -14.85 -10.81
C ILE A 292 -0.54 -15.64 -11.58
N GLY A 293 -1.77 -15.64 -11.10
CA GLY A 293 -2.84 -16.36 -11.76
C GLY A 293 -2.81 -16.22 -13.26
N LEU A 294 -2.72 -14.99 -13.76
CA LEU A 294 -2.69 -14.74 -15.20
C LEU A 294 -1.39 -15.12 -15.90
N ALA A 295 -0.36 -15.44 -15.13
CA ALA A 295 0.94 -15.78 -15.68
C ALA A 295 0.97 -17.06 -16.51
N GLY A 296 -0.04 -17.92 -16.35
CA GLY A 296 -0.06 -19.16 -17.11
C GLY A 296 0.32 -20.34 -16.24
N GLU A 297 1.05 -21.30 -16.78
CA GLU A 297 1.44 -22.46 -15.98
C GLU A 297 2.92 -22.70 -15.79
N ASN A 298 3.75 -22.33 -16.77
CA ASN A 298 5.18 -22.58 -16.56
C ASN A 298 5.61 -21.92 -15.27
N LEU A 299 4.98 -20.79 -14.93
CA LEU A 299 5.30 -20.10 -13.70
C LEU A 299 4.88 -21.00 -12.53
N HIS A 300 3.60 -21.33 -12.49
CA HIS A 300 3.04 -22.19 -11.44
C HIS A 300 3.91 -23.43 -11.22
N THR A 301 4.17 -24.14 -12.32
CA THR A 301 4.97 -25.35 -12.27
C THR A 301 6.37 -25.10 -11.75
N GLN A 302 6.95 -23.95 -12.09
CA GLN A 302 8.29 -23.63 -11.64
C GLN A 302 8.27 -23.06 -10.23
N LEU A 303 7.24 -22.30 -9.90
CA LEU A 303 7.13 -21.73 -8.58
C LEU A 303 6.93 -22.82 -7.54
N ALA A 304 6.14 -23.83 -7.88
CA ALA A 304 5.87 -24.92 -6.96
C ALA A 304 7.13 -25.77 -6.83
N GLU A 305 7.86 -25.87 -7.93
CA GLU A 305 9.09 -26.65 -7.97
C GLU A 305 10.16 -26.02 -7.07
N GLU A 306 10.39 -24.72 -7.24
CA GLU A 306 11.40 -23.99 -6.47
C GLU A 306 11.10 -24.04 -4.97
N ILE A 307 9.95 -23.51 -4.59
CA ILE A 307 9.54 -23.46 -3.19
C ILE A 307 9.73 -24.80 -2.46
N ARG A 308 9.17 -25.87 -3.01
CA ARG A 308 9.29 -27.18 -2.37
C ARG A 308 10.73 -27.68 -2.29
N GLY A 309 11.46 -27.56 -3.40
CA GLY A 309 12.84 -28.01 -3.42
C GLY A 309 13.63 -27.30 -2.34
N ALA A 310 13.48 -25.98 -2.27
CA ALA A 310 14.17 -25.18 -1.28
C ALA A 310 13.68 -25.52 0.12
N ILE A 311 12.44 -26.00 0.21
CA ILE A 311 11.90 -26.33 1.52
C ILE A 311 12.51 -27.62 2.07
N LYS A 312 12.80 -28.57 1.18
CA LYS A 312 13.41 -29.82 1.59
C LYS A 312 14.89 -29.58 1.86
N SER A 313 15.58 -29.11 0.84
CA SER A 313 17.01 -28.84 0.89
C SER A 313 17.46 -27.98 2.07
N TYR A 314 16.80 -26.84 2.26
CA TYR A 314 17.20 -25.93 3.32
C TYR A 314 16.23 -25.67 4.47
N GLY A 315 14.97 -26.08 4.33
CA GLY A 315 14.00 -25.84 5.37
C GLY A 315 13.70 -27.07 6.21
N ASP A 316 14.26 -28.19 5.80
CA ASP A 316 14.05 -29.43 6.53
C ASP A 316 12.61 -29.89 6.50
N GLY A 317 11.85 -29.42 5.52
CA GLY A 317 10.47 -29.85 5.49
C GLY A 317 9.57 -28.75 5.98
N ASN A 318 10.13 -27.56 6.16
CA ASN A 318 9.31 -26.42 6.54
C ASN A 318 9.96 -25.11 6.13
N VAL A 319 9.10 -24.09 6.06
CA VAL A 319 9.49 -22.75 5.65
C VAL A 319 10.41 -22.10 6.67
N THR A 320 11.50 -21.50 6.19
CA THR A 320 12.47 -20.83 7.05
C THR A 320 13.16 -19.76 6.23
N LEU A 321 13.68 -18.72 6.90
CA LEU A 321 14.36 -17.64 6.21
C LEU A 321 15.52 -18.11 5.33
N GLU A 322 16.18 -19.19 5.75
CA GLU A 322 17.30 -19.73 4.98
C GLU A 322 16.79 -20.26 3.65
N ALA A 323 15.70 -21.04 3.72
CA ALA A 323 15.10 -21.65 2.54
C ALA A 323 14.59 -20.62 1.53
N ILE A 324 13.94 -19.58 2.03
CA ILE A 324 13.43 -18.53 1.16
C ILE A 324 14.55 -17.91 0.32
N GLU A 325 15.68 -17.66 0.96
CA GLU A 325 16.82 -17.08 0.28
C GLU A 325 17.31 -17.99 -0.84
N GLN A 326 16.65 -19.15 -0.95
CA GLN A 326 16.97 -20.13 -1.98
C GLN A 326 15.79 -20.23 -2.95
N MET A 327 14.99 -19.17 -3.04
CA MET A 327 13.83 -19.11 -3.93
C MET A 327 13.93 -17.86 -4.84
N PRO A 328 15.00 -17.76 -5.66
CA PRO A 328 15.17 -16.62 -6.55
C PRO A 328 13.93 -16.20 -7.34
N LEU A 329 13.26 -17.15 -7.98
CA LEU A 329 12.08 -16.82 -8.75
C LEU A 329 10.97 -16.30 -7.84
N THR A 330 10.69 -17.03 -6.76
CA THR A 330 9.66 -16.62 -5.80
C THR A 330 9.89 -15.20 -5.32
N LYS A 331 11.15 -14.80 -5.17
CA LYS A 331 11.49 -13.45 -4.71
C LYS A 331 11.18 -12.41 -5.78
N SER A 332 11.66 -12.68 -6.98
CA SER A 332 11.46 -11.80 -8.13
C SER A 332 9.97 -11.61 -8.40
N VAL A 333 9.20 -12.68 -8.25
CA VAL A 333 7.77 -12.65 -8.48
C VAL A 333 7.07 -11.62 -7.59
N VAL A 334 7.38 -11.71 -6.30
CA VAL A 334 6.79 -10.80 -5.31
C VAL A 334 7.21 -9.36 -5.60
N TYR A 335 8.43 -9.19 -6.10
CA TYR A 335 8.94 -7.86 -6.43
C TYR A 335 8.22 -7.30 -7.65
N GLU A 336 8.14 -8.11 -8.71
CA GLU A 336 7.48 -7.70 -9.94
C GLU A 336 6.08 -7.19 -9.62
N SER A 337 5.33 -7.97 -8.85
CA SER A 337 3.98 -7.59 -8.46
C SER A 337 4.02 -6.19 -7.86
N LEU A 338 5.00 -5.96 -6.98
CA LEU A 338 5.16 -4.66 -6.35
C LEU A 338 5.53 -3.55 -7.34
N ARG A 339 6.18 -3.92 -8.43
CA ARG A 339 6.57 -2.94 -9.45
C ARG A 339 5.41 -2.60 -10.39
N ILE A 340 4.81 -3.64 -10.96
CA ILE A 340 3.73 -3.48 -11.93
C ILE A 340 2.49 -2.78 -11.43
N GLU A 341 2.16 -2.99 -10.16
CA GLU A 341 0.96 -2.38 -9.61
C GLU A 341 1.16 -2.01 -8.14
N PRO A 342 1.78 -0.84 -7.88
CA PRO A 342 2.05 -0.34 -6.54
C PRO A 342 0.75 -0.24 -5.74
N PRO A 343 0.65 -0.98 -4.63
CA PRO A 343 -0.54 -0.99 -3.77
C PRO A 343 -1.03 0.40 -3.31
N VAL A 344 -0.08 1.32 -3.10
CA VAL A 344 -0.37 2.69 -2.67
C VAL A 344 0.34 3.66 -3.64
N PRO A 345 -0.36 4.01 -4.74
CA PRO A 345 0.05 4.89 -5.85
C PRO A 345 0.61 6.32 -5.64
N PRO A 346 -0.08 7.14 -4.81
CA PRO A 346 0.35 8.53 -4.57
C PRO A 346 1.33 8.92 -3.45
N GLN A 347 2.41 9.60 -3.85
CA GLN A 347 3.41 10.08 -2.89
C GLN A 347 3.52 11.60 -3.02
N TYR A 348 3.43 12.29 -1.88
CA TYR A 348 3.49 13.74 -1.87
C TYR A 348 4.72 14.25 -1.11
N GLY A 349 5.11 15.48 -1.40
CA GLY A 349 6.26 16.08 -0.75
C GLY A 349 6.25 17.59 -0.98
N LYS A 350 6.35 18.36 0.11
CA LYS A 350 6.33 19.82 -0.01
C LYS A 350 7.73 20.42 0.03
N ALA A 351 8.09 21.13 -1.04
CA ALA A 351 9.42 21.75 -1.16
C ALA A 351 9.79 22.69 -0.02
N LYS A 352 10.89 22.36 0.66
CA LYS A 352 11.40 23.15 1.77
C LYS A 352 12.31 24.29 1.31
N SER A 353 12.86 24.15 0.10
CA SER A 353 13.74 25.18 -0.44
C SER A 353 13.60 25.31 -1.96
N ASN A 354 14.34 26.25 -2.54
CA ASN A 354 14.33 26.46 -3.97
C ASN A 354 15.38 25.51 -4.55
N PHE A 355 14.93 24.46 -5.22
CA PHE A 355 15.86 23.52 -5.84
C PHE A 355 15.41 23.18 -7.26
N THR A 356 16.14 22.29 -7.92
CA THR A 356 15.83 21.90 -9.28
C THR A 356 15.67 20.38 -9.39
N ILE A 357 14.92 19.94 -10.39
CA ILE A 357 14.70 18.51 -10.62
C ILE A 357 14.66 18.30 -12.13
N GLU A 358 14.78 17.06 -12.57
CA GLU A 358 14.76 16.81 -14.00
C GLU A 358 14.05 15.54 -14.42
N SER A 359 13.49 15.61 -15.63
CA SER A 359 12.81 14.47 -16.22
C SER A 359 13.85 13.87 -17.14
N HIS A 360 13.43 12.98 -18.02
CA HIS A 360 14.36 12.38 -18.96
C HIS A 360 14.84 13.37 -20.03
N ASP A 361 14.19 14.52 -20.15
CA ASP A 361 14.62 15.49 -21.15
C ASP A 361 14.33 16.97 -20.87
N ALA A 362 14.58 17.40 -19.65
CA ALA A 362 14.35 18.79 -19.29
C ALA A 362 14.61 19.00 -17.80
N THR A 363 14.65 20.26 -17.38
CA THR A 363 14.89 20.59 -15.98
C THR A 363 13.78 21.53 -15.50
N PHE A 364 13.50 21.54 -14.20
CA PHE A 364 12.44 22.40 -13.71
C PHE A 364 12.77 23.00 -12.37
N GLU A 365 12.42 24.27 -12.20
CA GLU A 365 12.65 24.97 -10.93
C GLU A 365 11.46 24.76 -9.99
N VAL A 366 11.77 24.33 -8.77
CA VAL A 366 10.75 24.09 -7.75
C VAL A 366 10.99 25.14 -6.68
N LYS A 367 9.94 25.84 -6.27
CA LYS A 367 10.07 26.89 -5.26
C LYS A 367 9.55 26.47 -3.91
N LYS A 368 10.25 26.93 -2.87
CA LYS A 368 9.88 26.64 -1.49
C LYS A 368 8.37 26.80 -1.32
N GLY A 369 7.73 25.79 -0.75
CA GLY A 369 6.29 25.85 -0.54
C GLY A 369 5.41 25.07 -1.50
N GLU A 370 5.92 24.76 -2.69
CA GLU A 370 5.14 24.01 -3.68
C GLU A 370 5.02 22.54 -3.31
N MET A 371 3.89 21.94 -3.67
CA MET A 371 3.66 20.53 -3.37
C MET A 371 4.00 19.71 -4.59
N LEU A 372 4.83 18.69 -4.36
CA LEU A 372 5.26 17.78 -5.40
C LEU A 372 4.42 16.49 -5.29
N PHE A 373 3.93 16.00 -6.42
CA PHE A 373 3.13 14.79 -6.41
C PHE A 373 3.53 13.75 -7.46
N GLY A 374 3.78 12.54 -6.98
CA GLY A 374 4.16 11.47 -7.88
C GLY A 374 3.09 10.39 -8.00
N TYR A 375 2.84 9.94 -9.22
CA TYR A 375 1.87 8.88 -9.47
C TYR A 375 2.71 7.63 -9.77
N GLN A 376 3.16 6.97 -8.70
CA GLN A 376 4.05 5.82 -8.80
C GLN A 376 3.82 4.78 -9.90
N PRO A 377 2.57 4.32 -10.07
CA PRO A 377 2.28 3.32 -11.12
C PRO A 377 2.89 3.74 -12.46
N PHE A 378 2.95 5.03 -12.71
CA PHE A 378 3.56 5.51 -13.95
C PHE A 378 5.10 5.48 -13.84
N ALA A 379 5.64 6.13 -12.82
CA ALA A 379 7.08 6.18 -12.59
C ALA A 379 7.73 4.80 -12.58
N THR A 380 7.06 3.81 -12.00
CA THR A 380 7.65 2.48 -11.96
C THR A 380 7.42 1.67 -13.23
N LYS A 381 6.80 2.32 -14.23
CA LYS A 381 6.54 1.69 -15.52
C LYS A 381 7.23 2.49 -16.62
N ASP A 382 8.37 3.09 -16.28
CA ASP A 382 9.15 3.92 -17.22
C ASP A 382 9.97 3.02 -18.14
N PRO A 383 9.67 3.05 -19.44
CA PRO A 383 10.37 2.25 -20.44
C PRO A 383 11.86 2.55 -20.49
N LYS A 384 12.23 3.77 -20.11
CA LYS A 384 13.63 4.18 -20.11
C LYS A 384 14.35 3.43 -18.98
N VAL A 385 13.59 2.77 -18.11
CA VAL A 385 14.15 1.99 -16.99
C VAL A 385 13.81 0.50 -17.11
N PHE A 386 12.52 0.19 -17.22
CA PHE A 386 12.05 -1.18 -17.32
C PHE A 386 11.63 -1.54 -18.74
N ASP A 387 12.01 -2.72 -19.19
CA ASP A 387 11.65 -3.19 -20.52
C ASP A 387 10.22 -3.72 -20.50
N ARG A 388 9.52 -3.65 -21.63
CA ARG A 388 8.13 -4.12 -21.72
C ARG A 388 7.46 -3.85 -20.37
N PRO A 389 7.56 -2.60 -19.90
CA PRO A 389 7.01 -2.13 -18.62
C PRO A 389 5.60 -2.54 -18.20
N GLU A 390 4.62 -2.43 -19.09
CA GLU A 390 3.23 -2.77 -18.76
C GLU A 390 3.00 -4.26 -18.55
N GLU A 391 4.01 -5.08 -18.90
CA GLU A 391 3.92 -6.53 -18.75
C GLU A 391 4.41 -7.03 -17.40
N TYR A 392 3.92 -8.19 -16.98
CA TYR A 392 4.33 -8.79 -15.74
C TYR A 392 5.33 -9.88 -16.11
N VAL A 393 6.62 -9.56 -15.97
CA VAL A 393 7.67 -10.52 -16.26
C VAL A 393 8.12 -11.07 -14.91
N PRO A 394 7.66 -12.28 -14.57
CA PRO A 394 7.98 -12.96 -13.32
C PRO A 394 9.42 -12.90 -12.84
N ASP A 395 10.34 -13.22 -13.74
CA ASP A 395 11.76 -13.24 -13.41
C ASP A 395 12.48 -11.93 -13.74
N ARG A 396 11.72 -10.84 -13.83
CA ARG A 396 12.33 -9.56 -14.14
C ARG A 396 13.46 -9.21 -13.16
N PHE A 397 13.26 -9.49 -11.88
CA PHE A 397 14.28 -9.17 -10.89
C PHE A 397 15.22 -10.31 -10.52
N VAL A 398 15.34 -11.30 -11.40
CA VAL A 398 16.24 -12.44 -11.18
C VAL A 398 17.56 -12.19 -11.90
N GLY A 399 18.65 -12.72 -11.34
CA GLY A 399 19.95 -12.54 -11.96
C GLY A 399 20.44 -11.11 -11.93
N ASP A 400 20.84 -10.60 -13.09
CA ASP A 400 21.32 -9.23 -13.20
C ASP A 400 20.15 -8.29 -12.96
N GLY A 401 18.95 -8.84 -12.90
CA GLY A 401 17.76 -8.04 -12.67
C GLY A 401 17.77 -7.41 -11.30
N GLU A 402 18.46 -8.07 -10.37
CA GLU A 402 18.56 -7.58 -9.00
C GLU A 402 18.96 -6.10 -9.00
N ALA A 403 19.76 -5.72 -9.99
CA ALA A 403 20.22 -4.35 -10.10
C ALA A 403 19.12 -3.33 -10.36
N LEU A 404 17.89 -3.80 -10.61
CA LEU A 404 16.78 -2.89 -10.87
C LEU A 404 15.97 -2.63 -9.61
N LEU A 405 16.30 -3.35 -8.53
CA LEU A 405 15.57 -3.19 -7.29
C LEU A 405 15.63 -1.77 -6.80
N LYS A 406 16.71 -1.11 -7.17
CA LYS A 406 16.90 0.26 -6.79
C LYS A 406 15.69 1.07 -7.28
N TYR A 407 14.91 0.47 -8.17
CA TYR A 407 13.80 1.16 -8.83
C TYR A 407 12.42 0.76 -8.38
N VAL A 408 12.33 -0.25 -7.54
CA VAL A 408 11.03 -0.70 -7.02
C VAL A 408 10.72 0.16 -5.79
N TRP A 409 9.77 1.07 -5.94
CA TRP A 409 9.42 2.00 -4.87
C TRP A 409 8.06 1.87 -4.17
N TRP A 410 7.51 0.67 -4.01
CA TRP A 410 6.21 0.55 -3.35
C TRP A 410 6.21 1.08 -1.93
N SER A 411 7.37 1.02 -1.28
CA SER A 411 7.51 1.45 0.11
C SER A 411 7.96 2.89 0.27
N ASN A 412 7.76 3.69 -0.77
CA ASN A 412 8.15 5.09 -0.73
C ASN A 412 9.66 5.22 -0.59
N GLY A 413 10.38 4.49 -1.43
CA GLY A 413 11.83 4.54 -1.42
C GLY A 413 12.43 3.34 -2.12
N PRO A 414 13.68 3.44 -2.61
CA PRO A 414 14.30 2.29 -3.30
C PRO A 414 14.15 1.03 -2.47
N GLU A 415 13.75 -0.05 -3.12
CA GLU A 415 13.58 -1.33 -2.46
C GLU A 415 14.92 -1.73 -1.86
N THR A 416 16.00 -1.13 -2.38
CA THR A 416 17.37 -1.38 -1.93
C THR A 416 17.70 -0.60 -0.67
N GLU A 417 16.70 0.05 -0.08
CA GLU A 417 16.95 0.81 1.13
C GLU A 417 15.97 0.37 2.20
N SER A 418 16.25 0.76 3.43
CA SER A 418 15.42 0.38 4.57
C SER A 418 14.89 1.58 5.32
N PRO A 419 13.78 1.43 6.02
CA PRO A 419 13.21 2.56 6.78
C PRO A 419 14.04 2.97 7.99
N THR A 420 14.14 4.28 8.20
CA THR A 420 14.88 4.82 9.35
C THR A 420 14.05 5.96 9.92
N VAL A 421 14.52 6.53 11.02
CA VAL A 421 13.79 7.63 11.63
C VAL A 421 14.05 8.91 10.86
N GLU A 422 15.08 8.91 10.01
CA GLU A 422 15.41 10.07 9.21
C GLU A 422 14.57 10.16 7.95
N ASN A 423 14.01 9.04 7.51
CA ASN A 423 13.21 9.04 6.29
C ASN A 423 11.73 8.77 6.55
N LYS A 424 10.95 8.79 5.47
CA LYS A 424 9.51 8.54 5.54
C LYS A 424 9.16 7.23 4.83
N GLN A 425 10.11 6.30 4.83
CA GLN A 425 9.94 4.99 4.20
C GLN A 425 9.11 4.03 5.08
N CYS A 426 8.27 3.22 4.43
CA CYS A 426 7.41 2.26 5.12
C CYS A 426 8.12 1.55 6.25
N ALA A 427 7.59 1.66 7.47
CA ALA A 427 8.23 1.03 8.61
C ALA A 427 8.16 -0.49 8.53
N GLY A 428 7.07 -1.00 7.97
CA GLY A 428 6.94 -2.44 7.88
C GLY A 428 7.49 -2.97 6.58
N LYS A 429 8.42 -2.24 5.97
CA LYS A 429 8.98 -2.66 4.69
C LYS A 429 9.42 -4.13 4.63
N ASP A 430 10.42 -4.50 5.41
CA ASP A 430 10.89 -5.89 5.37
C ASP A 430 9.78 -6.88 5.73
N PHE A 431 8.83 -6.42 6.52
CA PHE A 431 7.71 -7.26 6.95
C PHE A 431 6.81 -7.69 5.79
N VAL A 432 6.38 -6.74 4.97
CA VAL A 432 5.51 -7.06 3.86
C VAL A 432 6.17 -7.91 2.78
N VAL A 433 7.44 -7.66 2.53
CA VAL A 433 8.13 -8.44 1.51
C VAL A 433 8.16 -9.91 1.93
N LEU A 434 8.31 -10.15 3.24
CA LEU A 434 8.33 -11.52 3.75
C LEU A 434 6.97 -12.19 3.65
N ILE A 435 5.97 -11.58 4.27
CA ILE A 435 4.63 -12.13 4.28
C ILE A 435 4.01 -12.25 2.90
N THR A 436 4.49 -11.47 1.95
CA THR A 436 3.96 -11.57 0.59
C THR A 436 4.62 -12.76 -0.09
N ARG A 437 5.80 -13.12 0.38
CA ARG A 437 6.49 -14.27 -0.14
C ARG A 437 5.81 -15.45 0.54
N LEU A 438 5.67 -15.37 1.85
CA LEU A 438 5.02 -16.47 2.58
C LEU A 438 3.67 -16.72 1.92
N PHE A 439 3.04 -15.66 1.43
CA PHE A 439 1.76 -15.78 0.76
C PHE A 439 1.91 -16.67 -0.47
N VAL A 440 2.81 -16.30 -1.36
CA VAL A 440 3.08 -17.07 -2.58
C VAL A 440 3.67 -18.43 -2.22
N ILE A 441 4.45 -18.48 -1.13
CA ILE A 441 5.08 -19.71 -0.69
C ILE A 441 4.02 -20.72 -0.26
N GLU A 442 3.13 -20.29 0.63
CA GLU A 442 2.07 -21.17 1.12
C GLU A 442 1.24 -21.63 -0.06
N LEU A 443 0.81 -20.68 -0.87
CA LEU A 443 0.01 -20.98 -2.04
C LEU A 443 0.48 -22.22 -2.79
N PHE A 444 1.71 -22.19 -3.28
CA PHE A 444 2.24 -23.32 -4.06
C PHE A 444 2.78 -24.49 -3.26
N ARG A 445 2.76 -24.35 -1.94
CA ARG A 445 3.24 -25.40 -1.05
C ARG A 445 2.01 -26.27 -0.81
N ARG A 446 0.94 -25.94 -1.53
CA ARG A 446 -0.33 -26.64 -1.40
C ARG A 446 -0.91 -27.01 -2.77
N TYR A 447 -0.82 -26.08 -3.70
CA TYR A 447 -1.34 -26.24 -5.06
C TYR A 447 -0.26 -26.31 -6.13
N ASP A 448 -0.41 -27.27 -7.04
CA ASP A 448 0.55 -27.41 -8.14
C ASP A 448 0.26 -26.29 -9.10
N SER A 449 -0.96 -25.78 -9.02
CA SER A 449 -1.38 -24.69 -9.87
C SER A 449 -2.83 -24.35 -9.56
N PHE A 450 -3.32 -23.29 -10.17
CA PHE A 450 -4.69 -22.84 -9.97
C PHE A 450 -5.08 -21.92 -11.11
N GLU A 451 -6.37 -21.62 -11.19
CA GLU A 451 -6.89 -20.73 -12.21
C GLU A 451 -7.83 -19.76 -11.52
N ILE A 452 -8.10 -18.61 -12.14
CA ILE A 452 -8.95 -17.63 -11.51
C ILE A 452 -9.56 -16.63 -12.48
N GLU A 453 -10.74 -16.13 -12.11
CA GLU A 453 -11.42 -15.14 -12.91
C GLU A 453 -11.55 -13.90 -12.04
N LEU A 454 -11.25 -12.75 -12.64
CA LEU A 454 -11.26 -11.47 -11.94
C LEU A 454 -12.62 -10.89 -11.57
N GLY A 455 -12.83 -9.65 -11.99
CA GLY A 455 -14.05 -8.94 -11.68
C GLY A 455 -13.59 -7.53 -11.33
N GLU A 456 -14.42 -6.52 -11.59
CA GLU A 456 -14.00 -5.16 -11.29
C GLU A 456 -14.48 -4.64 -9.94
N SER A 457 -13.71 -3.72 -9.38
CA SER A 457 -14.00 -3.11 -8.09
C SER A 457 -13.00 -2.00 -7.83
N PRO A 458 -13.38 -1.02 -6.98
CA PRO A 458 -12.51 0.09 -6.63
C PRO A 458 -11.26 -0.36 -5.85
N LEU A 459 -11.32 -1.56 -5.30
CA LEU A 459 -10.20 -2.11 -4.54
C LEU A 459 -9.10 -2.51 -5.51
N GLY A 460 -9.48 -3.13 -6.62
CA GLY A 460 -8.51 -3.54 -7.61
C GLY A 460 -8.79 -4.81 -8.38
N ALA A 461 -8.66 -5.96 -7.71
CA ALA A 461 -8.85 -7.23 -8.39
C ALA A 461 -10.21 -7.91 -8.30
N ALA A 462 -10.83 -7.92 -7.14
CA ALA A 462 -12.12 -8.59 -7.02
C ALA A 462 -11.86 -9.98 -7.61
N VAL A 463 -11.00 -10.74 -6.95
CA VAL A 463 -10.64 -12.08 -7.41
C VAL A 463 -11.51 -13.22 -6.89
N THR A 464 -11.77 -14.17 -7.79
CA THR A 464 -12.54 -15.36 -7.47
C THR A 464 -11.77 -16.54 -8.06
N LEU A 465 -11.60 -17.59 -7.27
CA LEU A 465 -10.88 -18.76 -7.74
C LEU A 465 -11.86 -19.74 -8.39
N THR A 466 -11.36 -20.55 -9.32
CA THR A 466 -12.20 -21.51 -10.01
C THR A 466 -11.58 -22.91 -10.14
N PHE A 467 -10.27 -23.01 -9.95
CA PHE A 467 -9.56 -24.30 -10.05
C PHE A 467 -8.37 -24.36 -9.08
N LEU A 468 -8.13 -25.54 -8.50
CA LEU A 468 -7.05 -25.69 -7.54
C LEU A 468 -6.32 -27.04 -7.46
N LYS A 469 -5.46 -27.32 -8.44
CA LYS A 469 -4.68 -28.56 -8.40
C LYS A 469 -3.90 -28.61 -7.08
N ARG A 470 -3.70 -29.81 -6.54
CA ARG A 470 -2.94 -29.93 -5.30
C ARG A 470 -1.66 -30.76 -5.43
N ALA A 471 -0.90 -30.83 -4.34
CA ALA A 471 0.37 -31.55 -4.32
C ALA A 471 0.27 -33.08 -4.43
N SER A 472 0.73 -33.77 -3.38
CA SER A 472 0.74 -35.24 -3.30
C SER A 472 1.43 -35.87 -4.49
#